data_6AP9
#
_entry.id   6AP9
#
_cell.length_a   78.148
_cell.length_b   90.052
_cell.length_c   68.872
_cell.angle_alpha   90.00
_cell.angle_beta   98.67
_cell.angle_gamma   90.00
#
_symmetry.space_group_name_H-M   'C 1 2 1'
#
loop_
_entity.id
_entity.type
_entity.pdbx_description
1 polymer 'Glutathione S-transferase P'
2 non-polymer GLUTATHIONE
3 non-polymer 'OXIDIZED GLUTATHIONE DISULFIDE'
4 non-polymer '2-(N-MORPHOLINO)-ETHANESULFONIC ACID'
5 non-polymer 'ACETATE ION'
6 non-polymer 'CALCIUM ION'
7 water water
#
_entity_poly.entity_id   1
_entity_poly.type   'polypeptide(L)'
_entity_poly.pdbx_seq_one_letter_code
;MPPYTVVYFPVRGRCAALRMLLADQGQSWKEEVVTVETWQEGSLKASCLYGQLPKFQDGDLTLYQSNTILRHLGRTLGLY
GKDQQEAALVDMVNDGVEDLR(SNC)KYISLIYTNYEAGKDDYVKALPGQLKPFETLLSQNQGGKTFIVGDQISFADYNL
LDLLLIHEVLAPGCLDAFPLLSAYVGRLSARPKLKAFLASPEYVNLPINGNGKQ
;
_entity_poly.pdbx_strand_id   A,B
#
# COMPACT_ATOMS: atom_id res chain seq x y z
N MET A 1 18.15 25.18 5.90
CA MET A 1 17.92 24.45 4.66
C MET A 1 16.67 23.66 4.92
N PRO A 2 15.96 23.21 3.85
CA PRO A 2 14.68 22.54 4.10
C PRO A 2 14.89 21.22 4.81
N PRO A 3 13.91 20.78 5.63
CA PRO A 3 14.00 19.56 6.39
C PRO A 3 13.75 18.38 5.50
N TYR A 4 13.24 18.60 4.30
CA TYR A 4 12.85 17.48 3.42
C TYR A 4 13.69 17.38 2.19
N THR A 5 14.01 16.16 1.77
CA THR A 5 14.64 15.92 0.47
C THR A 5 13.94 14.77 -0.23
N VAL A 6 13.61 14.99 -1.52
CA VAL A 6 13.03 13.97 -2.38
C VAL A 6 14.10 13.50 -3.32
N VAL A 7 14.35 12.19 -3.36
CA VAL A 7 15.40 11.62 -4.21
C VAL A 7 14.70 10.76 -5.25
N TYR A 8 14.73 11.18 -6.53
CA TYR A 8 13.97 10.46 -7.55
C TYR A 8 14.58 10.70 -8.93
N PHE A 9 14.13 9.88 -9.87
CA PHE A 9 14.36 10.12 -11.31
C PHE A 9 13.71 11.43 -11.73
N PRO A 10 14.10 11.94 -12.92
CA PRO A 10 13.52 13.21 -13.40
C PRO A 10 12.17 12.92 -14.06
N VAL A 11 11.20 12.51 -13.24
CA VAL A 11 9.90 12.03 -13.64
CA VAL A 11 9.83 12.26 -13.72
C VAL A 11 8.88 12.54 -12.55
N ARG A 12 7.62 12.70 -12.91
CA ARG A 12 6.58 12.93 -11.93
C ARG A 12 6.29 11.62 -11.20
N GLY A 13 5.72 10.65 -11.91
CA GLY A 13 5.75 9.27 -11.37
C GLY A 13 5.15 9.15 -9.96
N ARG A 14 5.85 8.40 -9.12
CA ARG A 14 5.35 8.11 -7.77
C ARG A 14 5.66 9.24 -6.80
N CYS A 15 6.31 10.31 -7.29
CA CYS A 15 6.54 11.51 -6.46
C CYS A 15 5.56 12.62 -6.72
N ALA A 16 4.68 12.49 -7.72
CA ALA A 16 3.83 13.63 -8.07
C ALA A 16 2.90 13.99 -6.91
N ALA A 17 2.26 13.00 -6.29
CA ALA A 17 1.29 13.31 -5.24
C ALA A 17 1.97 13.89 -4.02
N LEU A 18 3.10 13.31 -3.58
CA LEU A 18 3.72 13.89 -2.41
C LEU A 18 4.29 15.29 -2.67
N ARG A 19 4.69 15.58 -3.92
CA ARG A 19 5.13 16.93 -4.20
C ARG A 19 3.95 17.89 -4.17
N MET A 20 2.82 17.51 -4.76
CA MET A 20 1.59 18.34 -4.69
CA MET A 20 1.61 18.33 -4.69
C MET A 20 1.25 18.62 -3.22
N LEU A 21 1.33 17.57 -2.40
CA LEU A 21 1.03 17.75 -0.95
C LEU A 21 1.97 18.81 -0.33
N LEU A 22 3.27 18.64 -0.56
CA LEU A 22 4.23 19.56 0.05
C LEU A 22 3.98 21.00 -0.45
N ALA A 23 3.81 21.16 -1.77
CA ALA A 23 3.58 22.50 -2.31
C ALA A 23 2.27 23.09 -1.79
N ASP A 24 1.18 22.32 -1.78
CA ASP A 24 -0.11 22.88 -1.33
C ASP A 24 -0.04 23.24 0.18
N GLN A 25 0.82 22.54 0.92
CA GLN A 25 0.98 22.80 2.38
C GLN A 25 2.03 23.88 2.65
N GLY A 26 2.57 24.45 1.58
CA GLY A 26 3.54 25.55 1.78
C GLY A 26 4.85 25.10 2.38
N GLN A 27 5.20 23.83 2.19
CA GLN A 27 6.47 23.33 2.69
C GLN A 27 7.61 23.42 1.68
N SER A 28 8.84 23.61 2.18
CA SER A 28 10.00 23.67 1.32
CA SER A 28 9.95 23.66 1.28
C SER A 28 10.64 22.31 1.26
N TRP A 29 11.20 21.98 0.11
CA TRP A 29 12.01 20.75 0.03
C TRP A 29 13.09 20.81 -1.02
N LYS A 30 14.08 19.93 -0.94
CA LYS A 30 15.12 19.81 -1.95
C LYS A 30 14.81 18.65 -2.88
N GLU A 31 15.01 18.84 -4.17
CA GLU A 31 14.98 17.76 -5.12
C GLU A 31 16.38 17.25 -5.48
N GLU A 32 16.65 16.00 -5.14
N GLU A 32 16.68 15.99 -5.16
CA GLU A 32 17.85 15.36 -5.57
CA GLU A 32 17.91 15.41 -5.62
C GLU A 32 17.49 14.52 -6.80
C GLU A 32 17.64 14.43 -6.76
N VAL A 33 18.08 14.81 -7.95
CA VAL A 33 17.72 14.14 -9.19
C VAL A 33 18.71 13.02 -9.49
N VAL A 34 18.17 11.85 -9.84
CA VAL A 34 19.00 10.68 -10.12
C VAL A 34 18.87 10.39 -11.61
N THR A 35 19.99 10.46 -12.33
CA THR A 35 19.94 10.16 -13.75
C THR A 35 19.91 8.66 -13.99
N VAL A 36 19.44 8.25 -15.15
CA VAL A 36 19.51 6.85 -15.54
C VAL A 36 20.95 6.33 -15.46
N GLU A 37 21.89 7.15 -15.93
CA GLU A 37 23.30 6.77 -15.87
C GLU A 37 23.76 6.51 -14.43
N THR A 38 23.42 7.41 -13.51
CA THR A 38 23.79 7.19 -12.12
C THR A 38 23.14 5.92 -11.59
N TRP A 39 21.88 5.75 -11.92
CA TRP A 39 21.15 4.59 -11.40
C TRP A 39 21.81 3.29 -11.90
N GLN A 40 22.23 3.31 -13.16
CA GLN A 40 22.82 2.11 -13.78
C GLN A 40 24.19 1.77 -13.20
N GLU A 41 24.88 2.74 -12.64
CA GLU A 41 26.18 2.49 -12.01
C GLU A 41 26.00 1.55 -10.81
N GLY A 42 24.83 1.63 -10.18
CA GLY A 42 24.43 0.60 -9.21
C GLY A 42 24.60 0.86 -7.73
N SER A 43 25.46 1.81 -7.35
CA SER A 43 25.76 2.07 -5.94
C SER A 43 24.57 2.64 -5.16
N LEU A 44 23.90 3.65 -5.73
CA LEU A 44 22.75 4.24 -5.04
C LEU A 44 21.69 3.14 -4.89
N LYS A 45 21.43 2.38 -5.95
CA LYS A 45 20.37 1.38 -5.91
C LYS A 45 20.65 0.35 -4.83
N ALA A 46 21.90 -0.12 -4.76
CA ALA A 46 22.25 -1.10 -3.72
C ALA A 46 22.05 -0.58 -2.32
N SER A 47 22.17 0.73 -2.11
CA SER A 47 21.99 1.34 -0.81
C SER A 47 20.52 1.61 -0.42
N CYS A 48 19.61 1.47 -1.40
CA CYS A 48 18.18 1.71 -1.14
C CYS A 48 17.57 0.46 -0.49
N LEU A 49 16.68 0.67 0.48
CA LEU A 49 16.19 -0.48 1.29
C LEU A 49 15.67 -1.62 0.38
N TYR A 50 14.81 -1.25 -0.57
CA TYR A 50 14.22 -2.22 -1.48
C TYR A 50 14.74 -2.07 -2.92
N GLY A 51 15.92 -1.47 -3.03
CA GLY A 51 16.53 -1.29 -4.34
C GLY A 51 15.78 -0.35 -5.27
N GLN A 52 14.90 0.51 -4.72
CA GLN A 52 14.10 1.41 -5.56
C GLN A 52 13.96 2.82 -4.99
N LEU A 53 13.54 3.72 -5.87
CA LEU A 53 13.16 5.09 -5.50
C LEU A 53 11.64 5.23 -5.63
N PRO A 54 11.03 6.24 -4.96
CA PRO A 54 11.69 7.34 -4.23
C PRO A 54 12.32 6.98 -2.91
N LYS A 55 13.30 7.80 -2.54
CA LYS A 55 13.90 7.89 -1.22
C LYS A 55 13.53 9.30 -0.71
N PHE A 56 13.22 9.41 0.59
CA PHE A 56 12.78 10.65 1.17
C PHE A 56 13.51 10.85 2.47
N GLN A 57 14.00 12.04 2.70
CA GLN A 57 14.66 12.38 3.97
C GLN A 57 13.89 13.42 4.68
N ASP A 58 13.61 13.20 5.97
CA ASP A 58 12.96 14.20 6.84
C ASP A 58 13.91 14.36 8.01
N GLY A 59 14.80 15.36 7.93
CA GLY A 59 15.97 15.31 8.81
C GLY A 59 16.75 14.02 8.71
N ASP A 60 17.05 13.36 9.82
CA ASP A 60 17.79 12.12 9.74
C ASP A 60 16.91 10.89 9.57
N LEU A 61 15.61 11.10 9.35
CA LEU A 61 14.72 9.96 9.06
C LEU A 61 14.74 9.70 7.56
N THR A 62 15.16 8.53 7.15
CA THR A 62 15.23 8.18 5.73
C THR A 62 14.13 7.18 5.48
N LEU A 63 13.25 7.50 4.53
CA LEU A 63 12.13 6.61 4.19
C LEU A 63 12.22 6.20 2.75
N TYR A 64 11.69 5.04 2.47
CA TYR A 64 11.38 4.58 1.11
C TYR A 64 9.94 4.20 1.13
N GLN A 65 9.39 3.97 -0.08
CA GLN A 65 7.97 3.58 -0.36
C GLN A 65 7.10 4.83 -0.47
N SER A 66 6.64 5.11 -1.70
CA SER A 66 5.88 6.33 -1.90
C SER A 66 4.68 6.48 -0.95
N ASN A 67 3.95 5.37 -0.64
CA ASN A 67 2.79 5.53 0.28
C ASN A 67 3.21 5.68 1.71
N THR A 68 4.42 5.22 2.04
CA THR A 68 4.98 5.48 3.38
C THR A 68 5.26 6.95 3.54
N ILE A 69 5.79 7.57 2.48
CA ILE A 69 6.09 9.02 2.56
C ILE A 69 4.77 9.79 2.64
N LEU A 70 3.76 9.39 1.82
CA LEU A 70 2.46 10.08 1.93
C LEU A 70 1.86 9.98 3.34
N ARG A 71 1.90 8.80 3.92
CA ARG A 71 1.31 8.60 5.25
C ARG A 71 2.10 9.38 6.31
N HIS A 72 3.42 9.43 6.15
CA HIS A 72 4.24 10.15 7.09
C HIS A 72 3.92 11.63 7.07
N LEU A 73 3.83 12.22 5.87
CA LEU A 73 3.49 13.65 5.76
C LEU A 73 2.03 13.82 6.20
N GLY A 74 1.16 12.84 5.90
CA GLY A 74 -0.19 12.91 6.41
C GLY A 74 -0.23 12.99 7.95
N ARG A 75 0.59 12.20 8.66
CA ARG A 75 0.66 12.34 10.15
C ARG A 75 1.23 13.65 10.57
N THR A 76 2.39 13.99 10.03
CA THR A 76 3.10 15.13 10.62
C THR A 76 2.50 16.48 10.25
N LEU A 77 1.71 16.54 9.18
CA LEU A 77 1.12 17.80 8.72
C LEU A 77 -0.43 17.78 8.92
N GLY A 78 -0.94 16.76 9.61
CA GLY A 78 -2.36 16.77 10.00
C GLY A 78 -3.31 16.60 8.81
N LEU A 79 -2.93 15.68 7.92
CA LEU A 79 -3.74 15.36 6.74
C LEU A 79 -4.15 13.90 6.73
N TYR A 80 -4.69 13.46 7.86
CA TYR A 80 -4.96 12.04 8.02
C TYR A 80 -6.28 11.82 8.76
N GLY A 81 -7.25 12.67 8.50
CA GLY A 81 -8.57 12.53 9.11
C GLY A 81 -8.62 13.16 10.50
N LYS A 82 -9.85 13.27 11.00
CA LYS A 82 -10.04 14.02 12.25
C LYS A 82 -10.00 13.10 13.45
N ASP A 83 -10.11 11.80 13.19
CA ASP A 83 -10.14 10.79 14.25
C ASP A 83 -9.78 9.42 13.69
N GLN A 84 -9.92 8.36 14.49
CA GLN A 84 -9.44 7.06 14.03
C GLN A 84 -10.29 6.47 12.96
N GLN A 85 -11.61 6.60 13.06
CA GLN A 85 -12.43 6.13 12.00
C GLN A 85 -12.08 6.80 10.67
N GLU A 86 -11.91 8.13 10.67
CA GLU A 86 -11.63 8.81 9.38
C GLU A 86 -10.26 8.36 8.87
N ALA A 87 -9.29 8.12 9.76
CA ALA A 87 -8.00 7.67 9.28
C ALA A 87 -8.11 6.36 8.53
N ALA A 88 -8.95 5.46 9.05
CA ALA A 88 -9.14 4.22 8.34
C ALA A 88 -9.78 4.44 6.95
N LEU A 89 -10.76 5.35 6.86
CA LEU A 89 -11.36 5.65 5.55
C LEU A 89 -10.30 6.26 4.61
N VAL A 90 -9.43 7.11 5.13
CA VAL A 90 -8.35 7.70 4.34
C VAL A 90 -7.45 6.56 3.79
N ASP A 91 -7.08 5.59 4.64
CA ASP A 91 -6.29 4.45 4.17
C ASP A 91 -7.03 3.68 3.08
N MET A 92 -8.33 3.48 3.29
CA MET A 92 -9.10 2.67 2.37
C MET A 92 -9.09 3.33 0.97
N VAL A 93 -9.22 4.66 0.96
CA VAL A 93 -9.11 5.39 -0.32
C VAL A 93 -7.70 5.23 -0.90
N ASN A 94 -6.69 5.49 -0.06
CA ASN A 94 -5.37 5.44 -0.64
C ASN A 94 -4.96 4.08 -1.19
N ASP A 95 -5.40 3.00 -0.51
CA ASP A 95 -5.08 1.67 -0.98
C ASP A 95 -5.78 1.40 -2.30
N GLY A 96 -7.00 1.95 -2.46
CA GLY A 96 -7.66 1.84 -3.77
C GLY A 96 -6.97 2.62 -4.87
N VAL A 97 -6.47 3.82 -4.55
CA VAL A 97 -5.71 4.61 -5.50
C VAL A 97 -4.46 3.84 -5.92
N GLU A 98 -3.74 3.27 -4.95
CA GLU A 98 -2.52 2.52 -5.24
C GLU A 98 -2.83 1.30 -6.12
N ASP A 99 -3.94 0.60 -5.87
CA ASP A 99 -4.25 -0.53 -6.73
C ASP A 99 -4.43 -0.08 -8.17
N LEU A 100 -5.11 1.04 -8.40
CA LEU A 100 -5.28 1.47 -9.80
C LEU A 100 -4.00 2.06 -10.37
N ARG A 101 -3.19 2.71 -9.52
CA ARG A 101 -1.91 3.18 -9.98
C ARG A 101 -1.02 2.02 -10.45
N CYS A 102 -1.02 0.93 -9.69
CA CYS A 102 -0.29 -0.26 -10.12
C CYS A 102 -0.70 -0.71 -11.51
N LYS A 103 -2.00 -0.74 -11.71
CA LYS A 103 -2.47 -1.20 -13.02
C LYS A 103 -2.03 -0.24 -14.10
N TYR A 104 -2.10 1.08 -13.81
CA TYR A 104 -1.65 2.09 -14.77
C TYR A 104 -0.17 1.90 -15.10
N ILE A 105 0.67 1.74 -14.06
CA ILE A 105 2.09 1.55 -14.25
C ILE A 105 2.39 0.30 -15.10
N SER A 106 1.61 -0.74 -14.85
CA SER A 106 1.80 -1.97 -15.61
C SER A 106 1.46 -1.75 -17.09
N LEU A 107 0.36 -1.05 -17.37
CA LEU A 107 0.05 -0.66 -18.75
C LEU A 107 1.17 0.16 -19.38
N ILE A 108 1.52 1.27 -18.74
CA ILE A 108 2.54 2.15 -19.32
C ILE A 108 3.87 1.43 -19.64
N TYR A 109 4.34 0.60 -18.70
CA TYR A 109 5.72 0.13 -18.83
C TYR A 109 5.81 -1.25 -19.46
N THR A 110 4.73 -1.98 -19.48
CA THR A 110 4.87 -3.36 -19.98
C THR A 110 3.93 -3.72 -21.09
N ASN A 111 2.93 -2.90 -21.39
CA ASN A 111 1.95 -3.37 -22.35
C ASN A 111 1.15 -2.28 -23.04
N TYR A 112 1.77 -1.15 -23.37
CA TYR A 112 0.96 0.01 -23.75
C TYR A 112 0.22 -0.24 -25.06
N GLU A 113 0.94 -0.69 -26.07
CA GLU A 113 0.34 -0.81 -27.40
CA GLU A 113 0.42 -0.90 -27.42
C GLU A 113 -0.77 -1.86 -27.43
N ALA A 114 -0.52 -3.05 -26.88
CA ALA A 114 -1.53 -4.11 -26.94
C ALA A 114 -2.64 -3.95 -25.87
N GLY A 115 -2.30 -3.27 -24.77
CA GLY A 115 -3.23 -3.25 -23.65
C GLY A 115 -4.07 -2.01 -23.49
N LYS A 116 -3.82 -0.95 -24.23
CA LYS A 116 -4.45 0.32 -23.93
C LYS A 116 -5.95 0.26 -24.17
N ASP A 117 -6.41 -0.36 -25.27
CA ASP A 117 -7.85 -0.35 -25.51
CA ASP A 117 -7.84 -0.41 -25.53
C ASP A 117 -8.58 -1.11 -24.37
N ASP A 118 -8.06 -2.24 -23.95
CA ASP A 118 -8.69 -3.00 -22.87
C ASP A 118 -8.75 -2.20 -21.59
N TYR A 119 -7.63 -1.54 -21.32
CA TYR A 119 -7.51 -0.72 -20.12
C TYR A 119 -8.55 0.39 -20.08
N VAL A 120 -8.63 1.12 -21.19
CA VAL A 120 -9.55 2.23 -21.26
C VAL A 120 -11.00 1.72 -21.19
N LYS A 121 -11.28 0.51 -21.71
CA LYS A 121 -12.62 -0.05 -21.58
C LYS A 121 -12.93 -0.38 -20.12
N ALA A 122 -11.95 -0.86 -19.38
CA ALA A 122 -12.14 -1.22 -17.98
C ALA A 122 -12.16 0.01 -17.06
N LEU A 123 -11.69 1.13 -17.58
CA LEU A 123 -11.40 2.28 -16.68
C LEU A 123 -12.63 2.84 -15.92
N PRO A 124 -13.82 2.92 -16.56
CA PRO A 124 -14.93 3.49 -15.78
C PRO A 124 -15.25 2.63 -14.55
N GLY A 125 -15.18 1.31 -14.66
CA GLY A 125 -15.44 0.47 -13.50
C GLY A 125 -14.40 0.64 -12.42
N GLN A 126 -13.20 1.07 -12.81
CA GLN A 126 -12.13 1.29 -11.82
C GLN A 126 -12.23 2.68 -11.15
N LEU A 127 -12.78 3.66 -11.87
CA LEU A 127 -12.95 5.02 -11.32
C LEU A 127 -14.22 5.13 -10.44
N LYS A 128 -15.25 4.34 -10.79
CA LYS A 128 -16.55 4.47 -10.13
C LYS A 128 -16.52 4.42 -8.58
N PRO A 129 -15.68 3.52 -7.97
CA PRO A 129 -15.70 3.58 -6.50
C PRO A 129 -15.34 4.94 -5.92
N PHE A 130 -14.48 5.74 -6.60
CA PHE A 130 -14.12 7.02 -6.06
C PHE A 130 -15.25 8.01 -6.24
N GLU A 131 -15.98 7.92 -7.37
CA GLU A 131 -17.20 8.72 -7.51
C GLU A 131 -18.24 8.38 -6.42
N THR A 132 -18.40 7.09 -6.17
CA THR A 132 -19.29 6.63 -5.10
C THR A 132 -18.88 7.18 -3.73
N LEU A 133 -17.57 7.11 -3.42
CA LEU A 133 -17.12 7.71 -2.15
C LEU A 133 -17.44 9.21 -2.07
N LEU A 134 -17.18 9.96 -3.15
CA LEU A 134 -17.55 11.38 -3.12
C LEU A 134 -19.02 11.57 -2.89
N SER A 135 -19.82 10.76 -3.57
CA SER A 135 -21.30 10.96 -3.53
C SER A 135 -21.80 10.78 -2.07
N GLN A 136 -21.05 10.01 -1.30
CA GLN A 136 -21.44 9.67 0.09
C GLN A 136 -20.84 10.61 1.14
N ASN A 137 -20.05 11.60 0.68
CA ASN A 137 -19.47 12.55 1.59
C ASN A 137 -19.80 13.98 1.22
N GLN A 138 -20.86 14.52 1.85
CA GLN A 138 -21.29 15.92 1.60
C GLN A 138 -21.56 16.21 0.13
N GLY A 139 -22.17 15.25 -0.56
CA GLY A 139 -22.53 15.40 -1.96
C GLY A 139 -21.33 15.62 -2.87
N GLY A 140 -20.16 15.24 -2.40
CA GLY A 140 -19.03 15.40 -3.30
C GLY A 140 -18.42 16.76 -3.30
N LYS A 141 -18.87 17.66 -2.43
CA LYS A 141 -18.47 19.04 -2.52
C LYS A 141 -17.21 19.42 -1.75
N THR A 142 -16.61 18.49 -0.97
CA THR A 142 -15.44 18.87 -0.19
C THR A 142 -14.26 17.94 -0.55
N PHE A 143 -13.97 16.97 0.30
CA PHE A 143 -12.80 16.09 0.06
C PHE A 143 -13.20 14.64 -0.05
N ILE A 144 -12.24 13.75 -0.30
CA ILE A 144 -12.62 12.39 -0.52
C ILE A 144 -13.04 11.70 0.81
N VAL A 145 -12.44 12.13 1.95
CA VAL A 145 -12.87 11.70 3.29
C VAL A 145 -13.07 12.91 4.17
N GLY A 146 -14.26 13.04 4.77
CA GLY A 146 -14.40 14.08 5.79
C GLY A 146 -14.40 15.47 5.20
N ASP A 147 -14.16 16.43 6.08
CA ASP A 147 -14.28 17.82 5.65
CA ASP A 147 -14.30 17.84 5.78
C ASP A 147 -12.97 18.57 5.58
N GLN A 148 -11.86 17.83 5.63
CA GLN A 148 -10.54 18.43 5.47
CA GLN A 148 -10.52 18.43 5.51
C GLN A 148 -9.71 17.56 4.53
N ILE A 149 -8.76 18.21 3.87
CA ILE A 149 -7.92 17.51 2.90
C ILE A 149 -7.05 16.44 3.60
N SER A 150 -6.78 15.37 2.87
CA SER A 150 -5.92 14.29 3.43
C SER A 150 -4.90 13.90 2.40
N PHE A 151 -3.92 13.08 2.80
CA PHE A 151 -2.94 12.68 1.77
C PHE A 151 -3.60 11.91 0.66
N ALA A 152 -4.68 11.20 0.95
CA ALA A 152 -5.34 10.42 -0.09
C ALA A 152 -5.91 11.35 -1.18
N ASP A 153 -6.28 12.60 -0.80
CA ASP A 153 -6.78 13.52 -1.84
C ASP A 153 -5.70 13.82 -2.89
N TYR A 154 -4.47 14.06 -2.42
CA TYR A 154 -3.39 14.39 -3.34
C TYR A 154 -3.06 13.20 -4.22
N ASN A 155 -3.09 12.00 -3.63
CA ASN A 155 -2.82 10.80 -4.47
C ASN A 155 -3.95 10.56 -5.46
N LEU A 156 -5.22 10.63 -5.01
CA LEU A 156 -6.34 10.50 -5.95
C LEU A 156 -6.29 11.57 -7.02
N LEU A 157 -6.00 12.82 -6.68
CA LEU A 157 -5.95 13.89 -7.67
C LEU A 157 -4.92 13.57 -8.75
N ASP A 158 -3.74 13.14 -8.33
CA ASP A 158 -2.74 12.78 -9.32
C ASP A 158 -3.25 11.64 -10.21
N LEU A 159 -3.82 10.62 -9.58
CA LEU A 159 -4.39 9.46 -10.33
CA LEU A 159 -4.28 9.51 -10.40
C LEU A 159 -5.34 9.97 -11.43
N LEU A 160 -6.20 10.90 -11.04
CA LEU A 160 -7.21 11.38 -11.98
C LEU A 160 -6.56 12.22 -13.09
N LEU A 161 -5.58 13.04 -12.73
CA LEU A 161 -4.90 13.85 -13.74
C LEU A 161 -4.23 12.98 -14.78
N ILE A 162 -3.49 11.95 -14.36
CA ILE A 162 -2.76 11.16 -15.37
C ILE A 162 -3.74 10.32 -16.20
N HIS A 163 -4.89 9.97 -15.64
CA HIS A 163 -5.90 9.23 -16.47
C HIS A 163 -6.58 10.12 -17.44
N GLU A 164 -6.79 11.40 -17.14
CA GLU A 164 -7.27 12.31 -18.18
C GLU A 164 -6.28 12.48 -19.34
N VAL A 165 -4.97 12.37 -19.07
CA VAL A 165 -4.00 12.41 -20.17
C VAL A 165 -4.05 11.12 -20.95
N LEU A 166 -4.24 10.00 -20.25
CA LEU A 166 -4.23 8.70 -20.90
C LEU A 166 -5.51 8.52 -21.75
N ALA A 167 -6.63 8.97 -21.20
CA ALA A 167 -7.99 8.75 -21.75
C ALA A 167 -8.79 10.04 -21.65
N PRO A 168 -8.51 11.03 -22.52
CA PRO A 168 -9.18 12.32 -22.37
C PRO A 168 -10.71 12.17 -22.32
N GLY A 169 -11.34 12.88 -21.42
CA GLY A 169 -12.78 12.84 -21.23
C GLY A 169 -13.25 11.69 -20.37
N CYS A 170 -12.31 10.91 -19.79
CA CYS A 170 -12.75 9.77 -19.01
C CYS A 170 -13.58 10.23 -17.79
N LEU A 171 -13.41 11.45 -17.28
CA LEU A 171 -14.23 11.88 -16.16
C LEU A 171 -15.55 12.47 -16.61
N ASP A 172 -15.83 12.52 -17.93
CA ASP A 172 -17.16 13.01 -18.33
C ASP A 172 -18.25 12.11 -17.81
N ALA A 173 -17.92 10.84 -17.50
CA ALA A 173 -18.86 9.90 -16.92
C ALA A 173 -19.06 10.08 -15.40
N PHE A 174 -18.26 10.97 -14.81
CA PHE A 174 -18.17 11.05 -13.34
C PHE A 174 -18.20 12.51 -12.89
N PRO A 175 -19.40 13.07 -12.76
CA PRO A 175 -19.49 14.52 -12.49
C PRO A 175 -18.82 14.96 -11.18
N LEU A 176 -18.86 14.13 -10.14
CA LEU A 176 -18.29 14.56 -8.86
C LEU A 176 -16.74 14.50 -8.95
N LEU A 177 -16.20 13.46 -9.56
CA LEU A 177 -14.72 13.40 -9.74
C LEU A 177 -14.26 14.59 -10.61
N SER A 178 -15.02 14.90 -11.67
CA SER A 178 -14.63 15.99 -12.55
CA SER A 178 -14.70 16.03 -12.56
C SER A 178 -14.60 17.33 -11.81
N ALA A 179 -15.64 17.61 -11.01
CA ALA A 179 -15.71 18.88 -10.28
C ALA A 179 -14.61 18.92 -9.21
N TYR A 180 -14.36 17.76 -8.62
CA TYR A 180 -13.30 17.61 -7.64
C TYR A 180 -11.93 17.92 -8.19
N VAL A 181 -11.60 17.40 -9.36
CA VAL A 181 -10.31 17.75 -9.98
C VAL A 181 -10.21 19.27 -10.14
N GLY A 182 -11.29 19.87 -10.65
CA GLY A 182 -11.21 21.30 -10.89
C GLY A 182 -11.04 22.10 -9.63
N ARG A 183 -11.76 21.71 -8.59
CA ARG A 183 -11.70 22.39 -7.33
C ARG A 183 -10.37 22.29 -6.61
N LEU A 184 -9.88 21.06 -6.45
CA LEU A 184 -8.58 20.82 -5.86
CA LEU A 184 -8.62 20.92 -5.78
C LEU A 184 -7.48 21.55 -6.61
N SER A 185 -7.56 21.46 -7.92
CA SER A 185 -6.49 22.05 -8.75
C SER A 185 -6.45 23.56 -8.68
N ALA A 186 -7.55 24.16 -8.20
CA ALA A 186 -7.61 25.61 -8.06
C ALA A 186 -7.13 26.16 -6.75
N ARG A 187 -6.84 25.30 -5.76
CA ARG A 187 -6.30 25.76 -4.52
C ARG A 187 -5.03 26.60 -4.83
N PRO A 188 -4.92 27.84 -4.32
CA PRO A 188 -3.87 28.69 -4.90
C PRO A 188 -2.45 28.13 -4.95
N LYS A 189 -1.93 27.58 -3.84
CA LYS A 189 -0.53 27.11 -3.87
C LYS A 189 -0.41 25.91 -4.81
N LEU A 190 -1.45 25.08 -4.85
CA LEU A 190 -1.36 23.89 -5.69
C LEU A 190 -1.46 24.32 -7.16
N LYS A 191 -2.36 25.27 -7.45
CA LYS A 191 -2.49 25.80 -8.81
C LYS A 191 -1.17 26.36 -9.33
N ALA A 192 -0.48 27.07 -8.47
CA ALA A 192 0.80 27.68 -8.84
C ALA A 192 1.82 26.57 -9.13
N PHE A 193 1.85 25.55 -8.25
CA PHE A 193 2.82 24.49 -8.42
C PHE A 193 2.58 23.73 -9.74
N LEU A 194 1.32 23.39 -9.97
CA LEU A 194 0.97 22.62 -11.15
C LEU A 194 1.28 23.37 -12.48
N ALA A 195 1.30 24.70 -12.42
CA ALA A 195 1.62 25.55 -13.57
C ALA A 195 3.11 25.78 -13.74
N SER A 196 3.89 25.42 -12.74
CA SER A 196 5.30 25.84 -12.67
C SER A 196 6.18 24.90 -13.48
N PRO A 197 7.33 25.41 -13.99
CA PRO A 197 8.27 24.56 -14.71
C PRO A 197 8.73 23.32 -13.92
N GLU A 198 8.81 23.41 -12.60
CA GLU A 198 9.31 22.24 -11.92
CA GLU A 198 9.17 22.32 -11.77
C GLU A 198 8.35 21.05 -11.98
N TYR A 199 7.08 21.33 -12.23
CA TYR A 199 6.09 20.27 -12.52
C TYR A 199 5.93 20.03 -14.01
N VAL A 200 5.65 21.09 -14.78
CA VAL A 200 5.28 20.93 -16.18
CA VAL A 200 5.26 20.82 -16.16
C VAL A 200 6.42 20.32 -17.02
N ASN A 201 7.68 20.58 -16.63
CA ASN A 201 8.78 20.14 -17.52
C ASN A 201 9.32 18.77 -17.19
N LEU A 202 8.64 18.06 -16.25
CA LEU A 202 8.93 16.62 -16.07
C LEU A 202 7.90 15.80 -16.81
N PRO A 203 8.29 14.68 -17.39
CA PRO A 203 7.30 13.76 -17.96
C PRO A 203 6.57 13.04 -16.85
N ILE A 204 5.39 12.55 -17.19
CA ILE A 204 4.61 11.78 -16.22
C ILE A 204 5.34 10.50 -15.82
N ASN A 205 5.90 9.80 -16.82
CA ASN A 205 6.56 8.53 -16.61
C ASN A 205 7.97 8.53 -17.17
N GLY A 206 8.69 7.44 -16.96
CA GLY A 206 10.13 7.37 -17.26
C GLY A 206 10.45 6.85 -18.66
N ASN A 207 9.43 6.39 -19.36
CA ASN A 207 9.65 5.79 -20.70
C ASN A 207 9.02 6.58 -21.84
N GLY A 208 8.58 7.79 -21.55
CA GLY A 208 8.00 8.63 -22.57
C GLY A 208 6.56 8.32 -22.96
N LYS A 209 5.93 7.36 -22.28
CA LYS A 209 4.55 7.02 -22.62
C LYS A 209 3.61 7.68 -21.61
N GLN A 210 2.41 8.01 -22.04
CA GLN A 210 1.39 8.63 -21.16
C GLN A 210 0.01 8.49 -21.78
N PRO B 2 -18.95 -10.96 19.00
CA PRO B 2 -17.58 -10.45 18.84
C PRO B 2 -17.56 -9.09 18.15
N PRO B 3 -16.65 -8.20 18.57
CA PRO B 3 -16.69 -6.89 17.89
C PRO B 3 -16.36 -6.97 16.38
N TYR B 4 -15.64 -8.01 15.95
CA TYR B 4 -15.14 -7.98 14.60
C TYR B 4 -15.73 -9.08 13.74
N THR B 5 -15.91 -8.76 12.45
CA THR B 5 -16.27 -9.76 11.44
C THR B 5 -15.30 -9.72 10.26
N VAL B 6 -14.83 -10.89 9.87
CA VAL B 6 -13.94 -11.06 8.71
C VAL B 6 -14.74 -11.79 7.64
N VAL B 7 -14.87 -11.16 6.48
CA VAL B 7 -15.57 -11.73 5.33
C VAL B 7 -14.59 -12.12 4.23
N TYR B 8 -14.50 -13.40 3.88
CA TYR B 8 -13.49 -13.84 2.95
C TYR B 8 -13.82 -15.21 2.40
N PHE B 9 -13.12 -15.58 1.33
CA PHE B 9 -13.07 -16.95 0.83
C PHE B 9 -12.45 -17.92 1.85
N PRO B 10 -12.67 -19.23 1.70
CA PRO B 10 -12.09 -20.19 2.65
C PRO B 10 -10.66 -20.48 2.33
N VAL B 11 -9.84 -19.43 2.55
CA VAL B 11 -8.39 -19.54 2.33
CA VAL B 11 -8.44 -19.39 2.19
C VAL B 11 -7.73 -18.55 3.27
N ARG B 12 -6.41 -18.78 3.45
CA ARG B 12 -5.61 -17.93 4.35
C ARG B 12 -5.40 -16.58 3.60
N GLY B 13 -4.63 -16.61 2.50
CA GLY B 13 -4.50 -15.46 1.60
C GLY B 13 -4.29 -14.12 2.30
N ARG B 14 -5.10 -13.14 1.93
CA ARG B 14 -4.88 -11.77 2.47
C ARG B 14 -5.47 -11.55 3.81
N CYS B 15 -6.11 -12.58 4.39
CA CYS B 15 -6.60 -12.47 5.75
C CYS B 15 -5.71 -13.16 6.76
N ALA B 16 -4.66 -13.86 6.32
CA ALA B 16 -3.85 -14.63 7.24
C ALA B 16 -3.23 -13.71 8.32
N ALA B 17 -2.61 -12.62 7.87
CA ALA B 17 -1.92 -11.76 8.87
C ALA B 17 -2.87 -11.10 9.83
N LEU B 18 -4.00 -10.56 9.33
CA LEU B 18 -4.90 -9.95 10.26
C LEU B 18 -5.56 -10.96 11.25
N ARG B 19 -5.74 -12.20 10.82
CA ARG B 19 -6.20 -13.25 11.77
C ARG B 19 -5.16 -13.53 12.83
N MET B 20 -3.87 -13.67 12.42
CA MET B 20 -2.80 -13.84 13.42
CA MET B 20 -2.80 -13.84 13.39
C MET B 20 -2.77 -12.70 14.40
N LEU B 21 -2.97 -11.48 13.90
CA LEU B 21 -2.98 -10.30 14.76
C LEU B 21 -4.12 -10.45 15.77
N LEU B 22 -5.33 -10.71 15.28
CA LEU B 22 -6.45 -10.79 16.21
C LEU B 22 -6.23 -11.90 17.23
N ALA B 23 -5.78 -13.08 16.79
CA ALA B 23 -5.60 -14.19 17.74
C ALA B 23 -4.56 -13.84 18.79
N ASP B 24 -3.43 -13.35 18.32
CA ASP B 24 -2.34 -13.05 19.23
C ASP B 24 -2.72 -11.97 20.26
N GLN B 25 -3.59 -11.04 19.84
CA GLN B 25 -4.02 -9.94 20.70
C GLN B 25 -5.23 -10.35 21.55
N GLY B 26 -5.60 -11.63 21.48
CA GLY B 26 -6.72 -12.07 22.32
C GLY B 26 -8.06 -11.47 21.93
N GLN B 27 -8.25 -11.09 20.67
CA GLN B 27 -9.51 -10.49 20.28
C GLN B 27 -10.43 -11.56 19.74
N SER B 28 -11.73 -11.34 19.85
CA SER B 28 -12.70 -12.27 19.30
C SER B 28 -13.16 -11.78 17.96
N TRP B 29 -13.36 -12.71 17.02
CA TRP B 29 -14.05 -12.35 15.78
C TRP B 29 -14.89 -13.46 15.24
N LYS B 30 -15.74 -13.05 14.32
CA LYS B 30 -16.62 -13.93 13.55
C LYS B 30 -16.08 -14.09 12.15
N GLU B 31 -16.03 -15.31 11.62
CA GLU B 31 -15.74 -15.53 10.20
C GLU B 31 -17.02 -15.69 9.37
N GLU B 32 -17.20 -14.87 8.33
CA GLU B 32 -18.26 -15.12 7.34
C GLU B 32 -17.57 -15.66 6.14
N VAL B 33 -17.77 -16.95 5.89
CA VAL B 33 -17.09 -17.62 4.80
C VAL B 33 -17.88 -17.44 3.54
N VAL B 34 -17.21 -17.02 2.49
CA VAL B 34 -17.86 -16.79 1.21
C VAL B 34 -17.40 -17.83 0.18
N THR B 35 -18.32 -18.68 -0.27
CA THR B 35 -17.95 -19.70 -1.24
C THR B 35 -17.80 -19.07 -2.60
N VAL B 36 -17.00 -19.71 -3.44
CA VAL B 36 -16.81 -19.23 -4.80
C VAL B 36 -18.15 -19.27 -5.55
N GLU B 37 -18.97 -20.28 -5.23
CA GLU B 37 -20.31 -20.37 -5.80
C GLU B 37 -21.16 -19.13 -5.46
N THR B 38 -21.14 -18.75 -4.18
CA THR B 38 -21.77 -17.50 -3.70
C THR B 38 -21.14 -16.26 -4.35
N TRP B 39 -19.81 -16.22 -4.42
CA TRP B 39 -19.16 -15.09 -5.08
C TRP B 39 -19.55 -14.91 -6.54
N GLN B 40 -19.60 -16.05 -7.26
CA GLN B 40 -19.89 -16.07 -8.69
C GLN B 40 -21.32 -15.62 -8.96
N GLU B 41 -22.16 -15.69 -7.93
CA GLU B 41 -23.54 -15.20 -8.06
C GLU B 41 -23.55 -13.70 -8.37
N GLY B 42 -22.61 -12.95 -7.79
CA GLY B 42 -22.38 -11.55 -8.16
C GLY B 42 -22.85 -10.48 -7.19
N SER B 43 -23.84 -10.77 -6.38
CA SER B 43 -24.44 -9.68 -5.60
C SER B 43 -23.53 -9.15 -4.48
N LEU B 44 -22.86 -10.06 -3.76
CA LEU B 44 -21.93 -9.61 -2.68
C LEU B 44 -20.82 -8.80 -3.34
N LYS B 45 -20.23 -9.33 -4.39
CA LYS B 45 -19.14 -8.64 -5.11
C LYS B 45 -19.55 -7.24 -5.56
N ALA B 46 -20.73 -7.13 -6.13
CA ALA B 46 -21.18 -5.83 -6.58
C ALA B 46 -21.30 -4.83 -5.44
N SER B 47 -21.54 -5.33 -4.22
CA SER B 47 -21.74 -4.46 -3.05
C SER B 47 -20.41 -4.03 -2.37
N CYS B 48 -19.32 -4.67 -2.78
CA CYS B 48 -18.00 -4.44 -2.20
C CYS B 48 -17.42 -3.18 -2.87
N LEU B 49 -16.78 -2.30 -2.08
CA LEU B 49 -16.34 -1.00 -2.57
C LEU B 49 -15.51 -1.14 -3.83
N TYR B 50 -14.53 -2.06 -3.79
CA TYR B 50 -13.67 -2.28 -4.96
C TYR B 50 -13.91 -3.65 -5.58
N GLY B 51 -15.13 -4.20 -5.32
CA GLY B 51 -15.51 -5.47 -5.91
C GLY B 51 -14.67 -6.68 -5.45
N GLN B 52 -14.02 -6.54 -4.28
CA GLN B 52 -13.12 -7.56 -3.76
C GLN B 52 -13.27 -7.79 -2.25
N LEU B 53 -12.75 -8.95 -1.80
CA LEU B 53 -12.64 -9.28 -0.39
C LEU B 53 -11.11 -9.24 -0.03
N PRO B 54 -10.80 -9.09 1.27
CA PRO B 54 -11.69 -9.07 2.43
C PRO B 54 -12.52 -7.84 2.64
N LYS B 55 -13.63 -8.07 3.32
CA LYS B 55 -14.50 -7.06 3.91
C LYS B 55 -14.41 -7.30 5.40
N PHE B 56 -14.43 -6.21 6.17
CA PHE B 56 -14.24 -6.30 7.60
C PHE B 56 -15.22 -5.41 8.32
N GLN B 57 -15.76 -5.88 9.45
CA GLN B 57 -16.64 -5.05 10.23
C GLN B 57 -16.07 -4.87 11.64
N ASP B 58 -16.10 -3.64 12.12
CA ASP B 58 -15.67 -3.26 13.47
C ASP B 58 -16.86 -2.47 13.98
N GLY B 59 -17.79 -3.14 14.68
CA GLY B 59 -19.05 -2.49 14.99
C GLY B 59 -19.74 -1.88 13.79
N ASP B 60 -20.00 -0.58 13.83
CA ASP B 60 -20.70 0.07 12.75
C ASP B 60 -19.85 0.37 11.52
N LEU B 61 -18.55 0.13 11.64
CA LEU B 61 -17.59 0.54 10.62
C LEU B 61 -17.34 -0.63 9.66
N THR B 62 -17.51 -0.37 8.38
CA THR B 62 -17.20 -1.38 7.39
C THR B 62 -15.99 -0.96 6.59
N LEU B 63 -15.03 -1.88 6.52
CA LEU B 63 -13.76 -1.60 5.80
C LEU B 63 -13.51 -2.61 4.69
N TYR B 64 -12.77 -2.18 3.66
CA TYR B 64 -12.21 -3.06 2.65
C TYR B 64 -10.72 -2.74 2.60
N GLN B 65 -9.96 -3.57 1.89
CA GLN B 65 -8.48 -3.44 1.69
C GLN B 65 -7.77 -4.08 2.88
N SER B 66 -7.09 -5.22 2.63
CA SER B 66 -6.40 -5.93 3.71
C SER B 66 -5.44 -5.02 4.50
N ASN B 67 -4.68 -4.17 3.81
CA ASN B 67 -3.76 -3.32 4.62
C ASN B 67 -4.45 -2.18 5.37
N THR B 68 -5.62 -1.75 4.89
CA THR B 68 -6.46 -0.80 5.64
C THR B 68 -6.92 -1.45 6.95
N ILE B 69 -7.33 -2.71 6.82
CA ILE B 69 -7.75 -3.48 8.04
C ILE B 69 -6.58 -3.60 9.00
N LEU B 70 -5.39 -4.00 8.48
CA LEU B 70 -4.21 -4.06 9.35
C LEU B 70 -3.89 -2.72 10.01
N ARG B 71 -3.91 -1.63 9.26
CA ARG B 71 -3.54 -0.34 9.87
C ARG B 71 -4.59 0.09 10.89
N HIS B 72 -5.86 -0.26 10.64
CA HIS B 72 -6.92 0.12 11.57
C HIS B 72 -6.78 -0.61 12.89
N LEU B 73 -6.55 -1.89 12.80
CA LEU B 73 -6.28 -2.67 14.00
C LEU B 73 -5.02 -2.15 14.68
N GLY B 74 -3.98 -1.84 13.88
CA GLY B 74 -2.78 -1.26 14.45
C GLY B 74 -3.03 0.01 15.23
N ARG B 75 -3.80 0.92 14.63
CA ARG B 75 -4.13 2.17 15.27
C ARG B 75 -4.96 1.95 16.55
N THR B 76 -6.01 1.11 16.43
CA THR B 76 -6.95 1.05 17.53
C THR B 76 -6.46 0.16 18.66
N LEU B 77 -5.55 -0.77 18.38
CA LEU B 77 -5.02 -1.65 19.41
C LEU B 77 -3.58 -1.28 19.87
N GLY B 78 -3.01 -0.23 19.31
CA GLY B 78 -1.65 0.19 19.75
C GLY B 78 -0.56 -0.77 19.24
N LEU B 79 -0.63 -1.11 17.93
CA LEU B 79 0.33 -1.97 17.27
C LEU B 79 0.92 -1.18 16.10
N TYR B 80 1.40 0.04 16.38
CA TYR B 80 1.81 0.93 15.28
C TYR B 80 3.05 1.72 15.73
N GLY B 81 3.88 1.12 16.58
CA GLY B 81 5.07 1.83 17.05
C GLY B 81 4.77 2.86 18.15
N LYS B 82 5.84 3.49 18.62
CA LYS B 82 5.69 4.31 19.82
C LYS B 82 5.39 5.75 19.53
N ASP B 83 5.68 6.19 18.29
CA ASP B 83 5.55 7.61 17.92
C ASP B 83 5.49 7.70 16.43
N GLN B 84 5.34 8.92 15.91
CA GLN B 84 5.20 9.09 14.47
C GLN B 84 6.45 8.55 13.72
N GLN B 85 7.64 8.77 14.25
CA GLN B 85 8.81 8.26 13.53
CA GLN B 85 8.82 8.22 13.56
C GLN B 85 8.71 6.72 13.39
N GLU B 86 8.33 6.01 14.47
CA GLU B 86 8.26 4.56 14.32
C GLU B 86 7.06 4.15 13.44
N ALA B 87 5.97 4.93 13.46
CA ALA B 87 4.84 4.58 12.60
C ALA B 87 5.25 4.62 11.13
N ALA B 88 6.11 5.59 10.79
CA ALA B 88 6.58 5.63 9.40
C ALA B 88 7.42 4.39 9.10
N LEU B 89 8.28 3.96 10.06
CA LEU B 89 9.09 2.76 9.82
C LEU B 89 8.16 1.54 9.70
N VAL B 90 7.10 1.47 10.52
CA VAL B 90 6.14 0.36 10.42
C VAL B 90 5.54 0.32 9.00
N ASP B 91 5.11 1.48 8.51
CA ASP B 91 4.53 1.58 7.15
C ASP B 91 5.54 1.15 6.11
N MET B 92 6.81 1.57 6.27
CA MET B 92 7.81 1.23 5.30
C MET B 92 8.03 -0.31 5.24
N VAL B 93 8.01 -0.97 6.38
CA VAL B 93 8.08 -2.44 6.44
C VAL B 93 6.83 -3.04 5.78
N ASN B 94 5.65 -2.55 6.16
CA ASN B 94 4.44 -3.19 5.64
C ASN B 94 4.34 -3.01 4.10
N ASP B 95 4.74 -1.80 3.59
CA ASP B 95 4.65 -1.59 2.13
C ASP B 95 5.63 -2.52 1.43
N GLY B 96 6.80 -2.77 2.04
CA GLY B 96 7.75 -3.75 1.50
C GLY B 96 7.19 -5.18 1.54
N VAL B 97 6.49 -5.54 2.61
CA VAL B 97 5.85 -6.87 2.67
C VAL B 97 4.78 -6.95 1.57
N GLU B 98 3.97 -5.92 1.38
CA GLU B 98 2.95 -5.98 0.37
C GLU B 98 3.53 -6.09 -1.03
N ASP B 99 4.67 -5.41 -1.30
CA ASP B 99 5.27 -5.53 -2.65
C ASP B 99 5.65 -7.00 -2.90
N LEU B 100 6.29 -7.66 -1.94
CA LEU B 100 6.65 -9.05 -2.22
C LEU B 100 5.43 -9.93 -2.21
N ARG B 101 4.42 -9.67 -1.37
CA ARG B 101 3.20 -10.45 -1.40
C ARG B 101 2.55 -10.34 -2.79
N CYS B 102 2.55 -9.13 -3.36
CA CYS B 102 2.04 -8.95 -4.74
C CYS B 102 2.76 -9.85 -5.75
N LYS B 103 4.07 -9.88 -5.63
CA LYS B 103 4.86 -10.71 -6.54
C LYS B 103 4.52 -12.20 -6.34
N TYR B 104 4.39 -12.59 -5.08
CA TYR B 104 4.01 -13.99 -4.72
C TYR B 104 2.64 -14.32 -5.33
N ILE B 105 1.66 -13.44 -5.14
CA ILE B 105 0.32 -13.72 -5.63
C ILE B 105 0.37 -13.83 -7.19
N SER B 106 1.16 -13.00 -7.83
CA SER B 106 1.26 -13.01 -9.29
C SER B 106 1.85 -14.35 -9.75
N LEU B 107 2.88 -14.82 -9.07
CA LEU B 107 3.47 -16.13 -9.37
C LEU B 107 2.40 -17.21 -9.21
N ILE B 108 1.79 -17.24 -8.05
CA ILE B 108 0.83 -18.31 -7.72
C ILE B 108 -0.32 -18.36 -8.70
N TYR B 109 -0.92 -17.22 -9.03
CA TYR B 109 -2.18 -17.26 -9.81
C TYR B 109 -1.94 -17.12 -11.32
N THR B 110 -0.80 -16.61 -11.74
CA THR B 110 -0.66 -16.32 -13.19
C THR B 110 0.51 -16.96 -13.88
N ASN B 111 1.48 -17.50 -13.16
CA ASN B 111 2.70 -17.95 -13.85
C ASN B 111 3.47 -18.98 -13.04
N TYR B 112 2.75 -19.87 -12.36
CA TYR B 112 3.39 -20.75 -11.39
C TYR B 112 4.32 -21.73 -12.07
N GLU B 113 3.83 -22.39 -13.12
CA GLU B 113 4.63 -23.47 -13.73
C GLU B 113 5.87 -22.92 -14.43
N ALA B 114 5.74 -21.85 -15.20
CA ALA B 114 6.91 -21.32 -15.90
C ALA B 114 7.76 -20.32 -15.11
N GLY B 115 7.19 -19.72 -14.08
CA GLY B 115 7.88 -18.62 -13.46
C GLY B 115 8.48 -18.97 -12.09
N LYS B 116 8.16 -20.16 -11.56
CA LYS B 116 8.66 -20.46 -10.20
C LYS B 116 10.18 -20.50 -10.09
N ASP B 117 10.86 -21.03 -11.11
CA ASP B 117 12.31 -21.07 -11.07
C ASP B 117 12.93 -19.68 -10.90
N ASP B 118 12.48 -18.73 -11.71
CA ASP B 118 13.06 -17.41 -11.66
C ASP B 118 12.72 -16.71 -10.33
N TYR B 119 11.50 -16.97 -9.85
CA TYR B 119 11.04 -16.39 -8.59
C TYR B 119 11.92 -16.86 -7.43
N VAL B 120 12.16 -18.17 -7.36
CA VAL B 120 12.91 -18.71 -6.25
C VAL B 120 14.36 -18.26 -6.31
N LYS B 121 14.89 -18.14 -7.54
CA LYS B 121 16.26 -17.63 -7.73
C LYS B 121 16.41 -16.18 -7.22
N ALA B 122 15.33 -15.40 -7.38
CA ALA B 122 15.32 -14.00 -7.00
C ALA B 122 15.02 -13.80 -5.52
N LEU B 123 14.52 -14.84 -4.88
CA LEU B 123 13.97 -14.68 -3.53
C LEU B 123 14.96 -14.18 -2.46
N PRO B 124 16.21 -14.68 -2.39
CA PRO B 124 17.12 -14.20 -1.35
C PRO B 124 17.26 -12.68 -1.39
N GLY B 125 17.33 -12.09 -2.59
CA GLY B 125 17.49 -10.64 -2.69
C GLY B 125 16.25 -9.91 -2.23
N GLN B 126 15.12 -10.57 -2.31
CA GLN B 126 13.82 -9.99 -1.86
C GLN B 126 13.65 -10.13 -0.35
N LEU B 127 14.27 -11.14 0.28
CA LEU B 127 14.14 -11.30 1.74
C LEU B 127 15.17 -10.53 2.50
N LYS B 128 16.37 -10.32 1.89
CA LYS B 128 17.47 -9.69 2.62
C LYS B 128 17.12 -8.31 3.28
N PRO B 129 16.24 -7.47 2.64
CA PRO B 129 15.96 -6.18 3.31
C PRO B 129 15.41 -6.37 4.71
N PHE B 130 14.61 -7.42 4.92
CA PHE B 130 13.98 -7.64 6.23
C PHE B 130 15.00 -8.15 7.24
N GLU B 131 15.95 -8.98 6.79
CA GLU B 131 17.09 -9.30 7.65
C GLU B 131 17.90 -8.08 8.02
N THR B 132 18.13 -7.19 7.05
CA THR B 132 18.90 -5.94 7.32
C THR B 132 18.15 -5.07 8.34
N LEU B 133 16.83 -4.92 8.15
CA LEU B 133 16.05 -4.14 9.13
C LEU B 133 16.12 -4.75 10.52
N LEU B 134 15.98 -6.08 10.62
CA LEU B 134 16.16 -6.70 11.96
C LEU B 134 17.56 -6.40 12.53
N SER B 135 18.57 -6.45 11.68
CA SER B 135 19.92 -6.26 12.18
C SER B 135 20.17 -4.85 12.71
N GLN B 136 19.31 -3.93 12.32
CA GLN B 136 19.46 -2.52 12.72
C GLN B 136 18.54 -2.15 13.86
N ASN B 137 17.78 -3.13 14.38
CA ASN B 137 16.89 -2.89 15.51
C ASN B 137 17.13 -3.84 16.68
N GLN B 138 17.92 -3.41 17.68
CA GLN B 138 18.21 -4.23 18.85
CA GLN B 138 18.21 -4.23 18.86
C GLN B 138 18.76 -5.61 18.47
N GLY B 139 19.63 -5.62 17.46
CA GLY B 139 20.22 -6.88 16.98
C GLY B 139 19.24 -7.94 16.52
N GLY B 140 18.04 -7.52 16.17
CA GLY B 140 17.03 -8.47 15.73
C GLY B 140 16.32 -9.20 16.80
N LYS B 141 16.48 -8.78 18.06
CA LYS B 141 16.00 -9.58 19.17
C LYS B 141 14.60 -9.26 19.61
N THR B 142 14.01 -8.19 19.04
CA THR B 142 12.65 -7.78 19.48
C THR B 142 11.66 -7.98 18.29
N PHE B 143 11.35 -6.86 17.64
CA PHE B 143 10.35 -6.87 16.56
C PHE B 143 10.91 -6.18 15.33
N ILE B 144 10.11 -6.06 14.27
CA ILE B 144 10.70 -5.52 13.04
C ILE B 144 10.94 -3.99 13.16
N VAL B 145 10.08 -3.33 13.96
CA VAL B 145 10.24 -1.91 14.30
C VAL B 145 10.09 -1.73 15.80
N GLY B 146 11.08 -1.06 16.42
CA GLY B 146 10.87 -0.76 17.82
C GLY B 146 10.86 -1.94 18.76
N ASP B 147 10.29 -1.75 19.95
CA ASP B 147 10.35 -2.71 21.05
CA ASP B 147 10.41 -2.86 20.90
C ASP B 147 9.05 -3.41 21.31
N GLN B 148 8.01 -3.10 20.50
CA GLN B 148 6.70 -3.73 20.66
C GLN B 148 6.21 -4.22 19.30
N ILE B 149 5.37 -5.25 19.36
CA ILE B 149 4.87 -5.85 18.13
C ILE B 149 3.95 -4.85 17.43
N SER B 150 3.98 -4.91 16.11
CA SER B 150 3.16 -4.00 15.29
C SER B 150 2.44 -4.82 14.23
N PHE B 151 1.49 -4.19 13.54
CA PHE B 151 0.77 -4.96 12.50
C PHE B 151 1.72 -5.43 11.40
N ALA B 152 2.81 -4.72 11.16
CA ALA B 152 3.77 -5.14 10.18
C ALA B 152 4.44 -6.44 10.57
N ASP B 153 4.64 -6.72 11.88
CA ASP B 153 5.22 -8.01 12.25
C ASP B 153 4.32 -9.18 11.80
N TYR B 154 3.00 -9.04 12.01
CA TYR B 154 2.10 -10.13 11.64
C TYR B 154 2.12 -10.33 10.14
N ASN B 155 2.17 -9.22 9.38
CA ASN B 155 2.19 -9.34 7.93
C ASN B 155 3.54 -9.95 7.46
N LEU B 156 4.66 -9.49 8.00
CA LEU B 156 5.94 -10.09 7.63
C LEU B 156 6.01 -11.57 8.01
N LEU B 157 5.52 -11.91 9.19
CA LEU B 157 5.59 -13.30 9.63
C LEU B 157 4.82 -14.14 8.65
N ASP B 158 3.61 -13.71 8.26
CA ASP B 158 2.90 -14.54 7.26
C ASP B 158 3.66 -14.67 5.94
N LEU B 159 4.27 -13.57 5.52
CA LEU B 159 5.04 -13.55 4.28
C LEU B 159 6.15 -14.59 4.36
N LEU B 160 6.83 -14.63 5.50
CA LEU B 160 7.93 -15.60 5.69
C LEU B 160 7.44 -17.02 5.75
N LEU B 161 6.35 -17.25 6.45
CA LEU B 161 5.79 -18.60 6.53
C LEU B 161 5.39 -19.11 5.13
N ILE B 162 4.69 -18.27 4.33
CA ILE B 162 4.23 -18.84 3.06
C ILE B 162 5.45 -19.03 2.11
N HIS B 163 6.51 -18.24 2.30
CA HIS B 163 7.69 -18.42 1.46
C HIS B 163 8.48 -19.69 1.87
N GLU B 164 8.41 -20.06 3.12
CA GLU B 164 9.07 -21.35 3.53
C GLU B 164 8.36 -22.54 2.88
N VAL B 165 7.06 -22.44 2.66
CA VAL B 165 6.30 -23.51 1.95
C VAL B 165 6.67 -23.47 0.44
N LEU B 166 6.76 -22.27 -0.17
CA LEU B 166 7.11 -22.17 -1.56
C LEU B 166 8.54 -22.67 -1.84
N ALA B 167 9.47 -22.26 -0.98
CA ALA B 167 10.91 -22.46 -1.20
C ALA B 167 11.50 -22.88 0.12
N PRO B 168 11.36 -24.16 0.49
CA PRO B 168 11.88 -24.64 1.76
C PRO B 168 13.36 -24.33 1.88
N GLY B 169 13.75 -23.86 3.06
CA GLY B 169 15.12 -23.43 3.27
C GLY B 169 15.44 -21.99 3.01
N CYS B 170 14.45 -21.25 2.50
CA CYS B 170 14.74 -19.88 2.07
C CYS B 170 15.16 -18.94 3.24
N LEU B 171 14.92 -19.32 4.51
CA LEU B 171 15.41 -18.47 5.56
C LEU B 171 16.71 -18.98 6.17
N ASP B 172 17.27 -20.05 5.60
CA ASP B 172 18.42 -20.64 6.32
C ASP B 172 19.66 -19.75 6.30
N ALA B 173 19.78 -18.90 5.27
CA ALA B 173 20.89 -17.95 5.18
C ALA B 173 20.70 -16.72 6.05
N PHE B 174 19.53 -16.60 6.65
CA PHE B 174 19.15 -15.37 7.36
C PHE B 174 18.89 -15.65 8.83
N PRO B 175 19.93 -15.60 9.67
CA PRO B 175 19.72 -16.06 11.07
C PRO B 175 18.73 -15.20 11.83
N LEU B 176 18.73 -13.87 11.58
CA LEU B 176 17.78 -13.06 12.39
C LEU B 176 16.32 -13.34 11.97
N LEU B 177 16.03 -13.43 10.66
CA LEU B 177 14.68 -13.77 10.20
C LEU B 177 14.27 -15.15 10.73
N SER B 178 15.22 -16.10 10.73
CA SER B 178 14.91 -17.47 11.18
C SER B 178 14.53 -17.45 12.68
N ALA B 179 15.29 -16.71 13.47
CA ALA B 179 15.06 -16.67 14.90
C ALA B 179 13.77 -15.90 15.19
N TYR B 180 13.51 -14.86 14.37
CA TYR B 180 12.29 -14.07 14.53
C TYR B 180 11.02 -14.88 14.27
N VAL B 181 11.03 -15.68 13.21
CA VAL B 181 9.92 -16.59 12.89
C VAL B 181 9.69 -17.51 14.09
N GLY B 182 10.76 -18.12 14.59
CA GLY B 182 10.59 -19.03 15.75
C GLY B 182 10.04 -18.32 17.00
N ARG B 183 10.53 -17.12 17.27
CA ARG B 183 10.16 -16.41 18.46
C ARG B 183 8.70 -15.94 18.40
N LEU B 184 8.33 -15.29 17.30
CA LEU B 184 6.96 -14.81 17.27
CA LEU B 184 6.95 -14.84 17.13
C LEU B 184 5.96 -15.99 17.19
N SER B 185 6.35 -17.05 16.47
CA SER B 185 5.47 -18.25 16.34
C SER B 185 5.26 -18.94 17.68
N ALA B 186 6.18 -18.73 18.62
CA ALA B 186 6.06 -19.31 19.97
C ALA B 186 5.22 -18.47 20.93
N ARG B 187 4.78 -17.26 20.56
CA ARG B 187 3.97 -16.46 21.47
C ARG B 187 2.71 -17.31 21.74
N PRO B 188 2.28 -17.41 22.99
CA PRO B 188 1.32 -18.49 23.30
C PRO B 188 0.03 -18.48 22.52
N LYS B 189 -0.61 -17.31 22.42
CA LYS B 189 -1.89 -17.27 21.70
C LYS B 189 -1.70 -17.53 20.22
N LEU B 190 -0.60 -16.98 19.69
CA LEU B 190 -0.32 -17.19 18.27
C LEU B 190 0.05 -18.66 17.96
N LYS B 191 0.85 -19.28 18.84
CA LYS B 191 1.24 -20.69 18.73
C LYS B 191 -0.05 -21.57 18.66
N ALA B 192 -0.97 -21.24 19.57
CA ALA B 192 -2.24 -22.01 19.63
C ALA B 192 -3.04 -21.81 18.35
N PHE B 193 -3.12 -20.57 17.84
CA PHE B 193 -3.82 -20.34 16.57
C PHE B 193 -3.18 -21.06 15.41
N LEU B 194 -1.84 -20.97 15.29
CA LEU B 194 -1.16 -21.55 14.15
C LEU B 194 -1.30 -23.08 14.15
N ALA B 195 -1.53 -23.66 15.33
CA ALA B 195 -1.64 -25.12 15.43
C ALA B 195 -3.10 -25.55 15.22
N SER B 196 -4.03 -24.60 15.23
CA SER B 196 -5.45 -24.97 15.23
C SER B 196 -5.92 -25.30 13.84
N PRO B 197 -6.99 -26.11 13.75
CA PRO B 197 -7.46 -26.44 12.40
CA PRO B 197 -7.56 -26.45 12.44
C PRO B 197 -8.03 -25.26 11.61
N GLU B 198 -8.49 -24.22 12.31
CA GLU B 198 -9.04 -23.13 11.52
CA GLU B 198 -8.95 -23.00 11.74
C GLU B 198 -7.93 -22.41 10.74
N TYR B 199 -6.68 -22.60 11.13
CA TYR B 199 -5.54 -22.16 10.31
C TYR B 199 -5.03 -23.32 9.44
N VAL B 200 -4.69 -24.42 10.12
CA VAL B 200 -4.01 -25.48 9.38
C VAL B 200 -4.83 -26.07 8.22
N ASN B 201 -6.16 -26.17 8.37
CA ASN B 201 -6.96 -26.81 7.36
C ASN B 201 -7.52 -25.90 6.29
N LEU B 202 -7.07 -24.63 6.26
CA LEU B 202 -7.32 -23.79 5.07
C LEU B 202 -6.13 -23.79 4.14
N PRO B 203 -6.37 -23.78 2.83
CA PRO B 203 -5.25 -23.66 1.90
C PRO B 203 -4.67 -22.22 1.96
N ILE B 204 -3.39 -22.11 1.60
CA ILE B 204 -2.79 -20.76 1.61
C ILE B 204 -3.47 -19.90 0.55
N ASN B 205 -3.72 -20.47 -0.63
CA ASN B 205 -4.27 -19.72 -1.77
C ASN B 205 -5.54 -20.38 -2.33
N GLY B 206 -6.20 -19.69 -3.22
CA GLY B 206 -7.50 -20.15 -3.68
C GLY B 206 -7.44 -21.07 -4.86
N ASN B 207 -6.26 -21.36 -5.42
CA ASN B 207 -6.15 -22.21 -6.60
C ASN B 207 -5.39 -23.49 -6.30
N GLY B 208 -5.16 -23.78 -5.01
CA GLY B 208 -4.51 -25.02 -4.62
C GLY B 208 -3.01 -25.07 -4.88
N LYS B 209 -2.42 -23.94 -5.22
CA LYS B 209 -0.99 -23.91 -5.42
C LYS B 209 -0.32 -23.18 -4.22
N GLN B 210 0.92 -23.56 -3.95
CA GLN B 210 1.71 -23.00 -2.83
C GLN B 210 3.19 -23.34 -2.98
#